data_8QY0
#
_entry.id   8QY0
#
_cell.length_a   79.810
_cell.length_b   79.810
_cell.length_c   133.989
_cell.angle_alpha   90.00
_cell.angle_beta   90.00
_cell.angle_gamma   90.00
#
_symmetry.space_group_name_H-M   'P 43 21 2'
#
loop_
_entity.id
_entity.type
_entity.pdbx_description
1 polymer Endo-1,4-beta-xylanase
2 branched beta-D-xylopyranose-(1-4)-beta-D-xylopyranose-(1-4)-beta-D-xylopyranose
3 branched beta-D-xylopyranose-(1-4)-beta-D-xylopyranose
4 non-polymer 'ZINC ION'
5 non-polymer 2-[BIS-(2-HYDROXY-ETHYL)-AMINO]-2-HYDROXYMETHYL-PROPANE-1,3-DIOL
6 water water
#
_entity_poly.entity_id   1
_entity_poly.type   'polypeptide(L)'
_entity_poly.pdbx_seq_one_letter_code
;ASTDYWQNWTDGGGIVNAVNGSGGNYSVNWSNTGNFVVGKGWTTGSPFRTINYNAGVWAPNGNGYLTLAGWTRSPLIQYY
VVDSWGTYRPTGTYKGTVKSDGGTYDIYTTTRYNAPSIDGDRTTFTQYWSVRQSKRPTGSNATITFTNHVNAWKSHGMNL
GSNWAYQVMATEGYQSSGSSNVTVW
;
_entity_poly.pdbx_strand_id   A,B
#
loop_
_chem_comp.id
_chem_comp.type
_chem_comp.name
_chem_comp.formula
BTB non-polymer 2-[BIS-(2-HYDROXY-ETHYL)-AMINO]-2-HYDROXYMETHYL-PROPANE-1,3-DIOL 'C8 H19 N O5'
XYP D-saccharide, beta linking beta-D-xylopyranose 'C5 H10 O5'
ZN non-polymer 'ZINC ION' 'Zn 2'
#
# COMPACT_ATOMS: atom_id res chain seq x y z
N ALA A 1 15.49 -12.97 -28.54
CA ALA A 1 16.10 -13.82 -27.50
C ALA A 1 15.04 -14.24 -26.48
N SER A 2 15.00 -15.54 -26.16
CA SER A 2 14.25 -16.08 -25.05
C SER A 2 14.63 -15.39 -23.75
N THR A 3 13.79 -15.57 -22.75
CA THR A 3 14.04 -14.95 -21.46
C THR A 3 15.22 -15.69 -20.85
N ASP A 4 16.03 -14.94 -20.10
CA ASP A 4 17.22 -15.46 -19.48
C ASP A 4 17.31 -14.96 -18.04
N TYR A 5 16.26 -14.30 -17.53
CA TYR A 5 16.34 -13.71 -16.20
C TYR A 5 15.08 -14.03 -15.42
N TRP A 6 15.30 -14.41 -14.17
CA TRP A 6 14.27 -14.75 -13.19
C TRP A 6 14.40 -13.78 -12.02
N GLN A 7 13.38 -12.95 -11.86
CA GLN A 7 13.36 -11.92 -10.82
C GLN A 7 12.47 -12.45 -9.70
N ASN A 8 12.96 -12.47 -8.45
CA ASN A 8 12.16 -12.98 -7.35
C ASN A 8 12.60 -12.33 -6.06
N TRP A 9 12.04 -11.17 -5.79
CA TRP A 9 12.40 -10.35 -4.64
C TRP A 9 11.16 -10.13 -3.80
N THR A 10 11.30 -10.32 -2.48
CA THR A 10 10.29 -9.95 -1.52
C THR A 10 10.99 -9.24 -0.38
N ASP A 11 10.33 -8.22 0.17
CA ASP A 11 10.91 -7.57 1.32
C ASP A 11 10.72 -8.44 2.55
N GLY A 12 10.09 -9.62 2.43
CA GLY A 12 9.96 -10.52 3.57
C GLY A 12 8.60 -10.45 4.27
N GLY A 13 7.77 -9.47 3.94
CA GLY A 13 6.42 -9.43 4.51
C GLY A 13 5.51 -10.45 3.84
N GLY A 14 4.76 -11.18 4.68
CA GLY A 14 3.76 -12.13 4.24
C GLY A 14 4.36 -13.29 3.44
N ILE A 15 3.55 -13.89 2.56
CA ILE A 15 4.00 -15.04 1.79
CA ILE A 15 3.91 -15.07 1.79
C ILE A 15 4.00 -14.69 0.31
N VAL A 16 5.14 -14.98 -0.33
CA VAL A 16 5.27 -14.84 -1.77
C VAL A 16 5.79 -16.16 -2.34
N ASN A 17 4.88 -16.99 -2.84
CA ASN A 17 5.24 -18.30 -3.37
C ASN A 17 5.37 -18.21 -4.88
N ALA A 18 6.61 -18.10 -5.34
CA ALA A 18 6.92 -17.85 -6.75
C ALA A 18 7.41 -19.16 -7.36
N VAL A 19 6.94 -19.48 -8.58
CA VAL A 19 7.39 -20.70 -9.26
C VAL A 19 8.06 -20.28 -10.57
N ASN A 20 9.29 -20.76 -10.73
CA ASN A 20 10.03 -20.57 -11.97
C ASN A 20 9.70 -21.72 -12.89
N GLY A 21 8.77 -21.51 -13.82
CA GLY A 21 8.23 -22.57 -14.66
C GLY A 21 9.12 -22.77 -15.88
N SER A 22 8.70 -23.58 -16.83
CA SER A 22 9.54 -23.82 -17.99
C SER A 22 9.36 -22.68 -18.98
N GLY A 23 10.40 -22.52 -19.79
CA GLY A 23 10.53 -21.42 -20.73
C GLY A 23 10.36 -20.08 -20.01
N GLY A 24 9.46 -19.26 -20.56
CA GLY A 24 9.24 -17.94 -20.01
C GLY A 24 8.06 -17.90 -19.04
N ASN A 25 7.64 -19.07 -18.53
CA ASN A 25 6.45 -19.15 -17.70
C ASN A 25 6.81 -19.01 -16.23
N TYR A 26 5.98 -18.26 -15.49
CA TYR A 26 6.07 -18.24 -14.03
C TYR A 26 4.68 -18.07 -13.44
N SER A 27 4.59 -18.34 -12.13
CA SER A 27 3.38 -18.04 -11.37
C SER A 27 3.77 -17.51 -10.00
N VAL A 28 2.85 -16.77 -9.40
CA VAL A 28 3.02 -16.30 -8.03
C VAL A 28 1.69 -16.50 -7.33
N ASN A 29 1.75 -17.01 -6.09
CA ASN A 29 0.61 -16.92 -5.20
C ASN A 29 1.07 -16.26 -3.92
N TRP A 30 0.39 -15.18 -3.55
CA TRP A 30 0.89 -14.38 -2.44
C TRP A 30 -0.22 -14.04 -1.45
N SER A 31 0.20 -13.76 -0.23
CA SER A 31 -0.72 -13.56 0.87
C SER A 31 -0.18 -12.52 1.85
N ASN A 32 -1.02 -11.49 2.09
CA ASN A 32 -0.77 -10.42 3.11
C ASN A 32 0.68 -9.96 3.07
N THR A 33 1.10 -9.47 1.92
CA THR A 33 2.52 -9.18 1.73
C THR A 33 2.98 -7.78 2.05
N GLY A 34 4.29 -7.62 2.14
CA GLY A 34 4.86 -6.27 2.08
C GLY A 34 5.05 -6.05 0.58
N ASN A 35 6.20 -5.55 0.18
CA ASN A 35 6.50 -5.29 -1.24
C ASN A 35 7.24 -6.48 -1.86
N PHE A 36 6.91 -6.79 -3.12
CA PHE A 36 7.60 -7.88 -3.83
C PHE A 36 7.53 -7.65 -5.35
N VAL A 37 8.49 -8.23 -6.05
CA VAL A 37 8.55 -8.15 -7.54
C VAL A 37 9.03 -9.50 -8.04
N VAL A 38 8.19 -10.14 -8.82
CA VAL A 38 8.50 -11.42 -9.41
C VAL A 38 8.21 -11.33 -10.90
N GLY A 39 9.10 -11.89 -11.73
CA GLY A 39 8.84 -11.88 -13.16
C GLY A 39 9.97 -12.55 -13.95
N LYS A 40 9.73 -12.67 -15.26
CA LYS A 40 10.73 -13.21 -16.16
C LYS A 40 11.00 -12.22 -17.28
N GLY A 41 12.25 -12.25 -17.75
CA GLY A 41 12.69 -11.33 -18.81
C GLY A 41 14.18 -11.52 -19.11
N TRP A 42 14.91 -10.41 -19.12
CA TRP A 42 16.24 -10.35 -19.69
C TRP A 42 17.18 -9.68 -18.71
N THR A 43 18.41 -10.18 -18.69
CA THR A 43 19.44 -9.73 -17.77
C THR A 43 19.82 -8.29 -18.07
N THR A 44 19.86 -8.00 -19.38
CA THR A 44 20.18 -6.69 -19.89
C THR A 44 18.99 -6.19 -20.68
N GLY A 45 18.38 -5.13 -20.15
CA GLY A 45 17.29 -4.49 -20.85
C GLY A 45 17.75 -3.82 -22.14
N SER A 46 16.82 -3.72 -23.09
CA SER A 46 17.05 -2.93 -24.29
C SER A 46 15.91 -1.95 -24.51
N PRO A 47 16.20 -0.71 -24.99
CA PRO A 47 15.13 0.22 -25.40
C PRO A 47 14.44 -0.17 -26.70
N PHE A 48 14.96 -1.19 -27.41
CA PHE A 48 14.43 -1.57 -28.71
C PHE A 48 13.62 -2.86 -28.62
N ARG A 49 13.52 -3.45 -27.42
CA ARG A 49 12.85 -4.75 -27.30
C ARG A 49 11.32 -4.60 -27.34
N THR A 50 10.71 -5.56 -28.05
CA THR A 50 9.29 -5.83 -27.96
C THR A 50 9.06 -6.99 -27.00
N ILE A 51 8.33 -6.72 -25.91
CA ILE A 51 8.06 -7.75 -24.93
C ILE A 51 6.69 -8.32 -25.26
N ASN A 52 6.64 -9.64 -25.31
CA ASN A 52 5.42 -10.39 -25.51
C ASN A 52 5.11 -11.15 -24.22
N TYR A 53 3.82 -11.24 -23.90
CA TYR A 53 3.43 -12.01 -22.75
C TYR A 53 1.99 -12.46 -22.91
N ASN A 54 1.65 -13.42 -22.06
CA ASN A 54 0.28 -13.88 -21.91
C ASN A 54 0.04 -14.14 -20.42
N ALA A 55 -0.85 -13.35 -19.84
CA ALA A 55 -1.24 -13.51 -18.46
C ALA A 55 -2.49 -14.37 -18.41
N GLY A 56 -2.25 -15.67 -18.22
CA GLY A 56 -3.32 -16.64 -18.09
C GLY A 56 -4.11 -16.48 -16.79
N VAL A 57 -3.47 -15.97 -15.74
CA VAL A 57 -4.15 -15.64 -14.49
C VAL A 57 -3.66 -14.26 -14.06
N TRP A 58 -4.62 -13.40 -13.79
CA TRP A 58 -4.30 -12.13 -13.19
C TRP A 58 -5.38 -11.87 -12.15
N ALA A 59 -5.11 -12.22 -10.87
CA ALA A 59 -6.10 -12.13 -9.81
C ALA A 59 -5.49 -11.52 -8.55
N PRO A 60 -5.11 -10.23 -8.60
CA PRO A 60 -4.72 -9.50 -7.40
C PRO A 60 -5.92 -9.28 -6.50
N ASN A 61 -5.70 -9.33 -5.20
CA ASN A 61 -6.71 -8.94 -4.24
C ASN A 61 -6.10 -7.85 -3.35
N GLY A 62 -6.23 -6.61 -3.82
CA GLY A 62 -5.46 -5.52 -3.27
C GLY A 62 -4.50 -4.96 -4.31
N ASN A 63 -3.44 -4.30 -3.84
CA ASN A 63 -2.51 -3.64 -4.72
C ASN A 63 -1.56 -4.65 -5.36
N GLY A 64 -1.75 -4.90 -6.64
CA GLY A 64 -0.75 -5.55 -7.46
C GLY A 64 -0.69 -4.93 -8.86
N TYR A 65 0.49 -5.00 -9.49
CA TYR A 65 0.69 -4.52 -10.86
C TYR A 65 1.13 -5.69 -11.72
N LEU A 66 0.59 -5.69 -12.95
CA LEU A 66 1.09 -6.47 -14.06
C LEU A 66 1.72 -5.48 -15.02
N THR A 67 3.05 -5.58 -15.12
CA THR A 67 3.85 -4.45 -15.54
C THR A 67 5.17 -4.92 -16.14
N LEU A 68 5.57 -4.26 -17.24
CA LEU A 68 6.98 -4.25 -17.56
C LEU A 68 7.68 -3.46 -16.46
N ALA A 69 8.82 -3.99 -15.98
CA ALA A 69 9.57 -3.37 -14.92
C ALA A 69 11.05 -3.55 -15.20
N GLY A 70 11.82 -2.47 -15.04
CA GLY A 70 13.23 -2.55 -15.33
C GLY A 70 13.98 -1.41 -14.68
N TRP A 71 15.30 -1.49 -14.83
CA TRP A 71 16.20 -0.49 -14.29
C TRP A 71 17.28 -0.10 -15.28
N THR A 72 17.80 1.12 -15.06
CA THR A 72 19.07 1.57 -15.60
C THR A 72 19.92 2.13 -14.47
N ARG A 73 21.24 2.08 -14.67
CA ARG A 73 22.19 2.85 -13.89
C ARG A 73 22.72 3.98 -14.77
N SER A 74 23.30 5.00 -14.14
CA SER A 74 23.97 6.10 -14.83
C SER A 74 22.99 6.89 -15.68
N PRO A 75 21.95 7.52 -15.09
CA PRO A 75 21.68 7.45 -13.66
C PRO A 75 20.72 6.30 -13.34
N LEU A 76 20.59 6.08 -12.03
CA LEU A 76 19.75 5.05 -11.45
C LEU A 76 18.26 5.43 -11.59
N ILE A 77 17.57 4.70 -12.46
CA ILE A 77 16.16 4.89 -12.76
C ILE A 77 15.47 3.54 -12.77
N GLN A 78 14.28 3.51 -12.19
CA GLN A 78 13.39 2.38 -12.32
C GLN A 78 12.24 2.77 -13.26
N TYR A 79 11.82 1.86 -14.14
CA TYR A 79 10.80 2.21 -15.10
C TYR A 79 9.74 1.12 -15.13
N TYR A 80 8.54 1.54 -15.55
CA TYR A 80 7.39 0.68 -15.58
C TYR A 80 6.55 0.96 -16.83
N VAL A 81 5.96 -0.10 -17.39
CA VAL A 81 4.82 0.01 -18.29
C VAL A 81 3.71 -0.88 -17.73
N VAL A 82 2.76 -0.23 -17.04
CA VAL A 82 1.74 -0.94 -16.28
C VAL A 82 0.54 -1.19 -17.18
N ASP A 83 0.24 -2.48 -17.40
CA ASP A 83 -0.86 -2.92 -18.23
C ASP A 83 -2.12 -3.22 -17.43
N SER A 84 -2.00 -3.74 -16.20
CA SER A 84 -3.14 -3.96 -15.36
C SER A 84 -2.71 -3.83 -13.91
N TRP A 85 -3.71 -3.81 -13.03
CA TRP A 85 -3.48 -3.56 -11.63
C TRP A 85 -4.63 -4.16 -10.84
N GLY A 86 -4.63 -3.92 -9.52
CA GLY A 86 -5.68 -4.44 -8.66
C GLY A 86 -6.57 -3.31 -8.16
N THR A 87 -6.44 -2.97 -6.88
CA THR A 87 -7.24 -1.92 -6.27
C THR A 87 -6.61 -0.54 -6.38
N TYR A 88 -5.38 -0.46 -6.91
CA TYR A 88 -4.69 0.81 -6.96
C TYR A 88 -4.07 1.04 -8.34
N ARG A 89 -4.43 2.15 -9.01
CA ARG A 89 -3.81 2.54 -10.28
C ARG A 89 -2.66 3.51 -9.97
N PRO A 90 -1.37 3.17 -10.23
CA PRO A 90 -0.26 4.01 -9.80
C PRO A 90 -0.22 5.28 -10.62
N THR A 91 -0.02 6.41 -9.94
CA THR A 91 0.06 7.70 -10.61
C THR A 91 1.23 8.46 -10.00
N GLY A 92 1.55 9.63 -10.57
CA GLY A 92 2.57 10.51 -10.04
C GLY A 92 2.42 11.89 -10.66
N THR A 93 3.55 12.54 -10.94
CA THR A 93 3.57 13.79 -11.68
C THR A 93 3.24 13.50 -13.13
N TYR A 94 2.14 14.10 -13.58
CA TYR A 94 1.66 13.85 -14.92
C TYR A 94 2.53 14.58 -15.94
N LYS A 95 2.94 13.86 -16.98
CA LYS A 95 3.83 14.38 -18.00
C LYS A 95 3.17 14.47 -19.36
N GLY A 96 2.22 13.59 -19.65
CA GLY A 96 1.63 13.48 -20.98
C GLY A 96 1.03 12.10 -21.19
N THR A 97 0.79 11.73 -22.45
CA THR A 97 0.24 10.42 -22.79
C THR A 97 1.05 9.77 -23.92
N VAL A 98 0.92 8.46 -24.08
CA VAL A 98 1.48 7.78 -25.24
C VAL A 98 0.54 6.66 -25.63
N LYS A 99 0.36 6.48 -26.95
CA LYS A 99 -0.46 5.40 -27.48
C LYS A 99 0.47 4.29 -27.96
N SER A 100 0.18 3.04 -27.59
CA SER A 100 1.01 1.91 -27.97
C SER A 100 0.22 0.63 -27.80
N ASP A 101 0.37 -0.29 -28.76
CA ASP A 101 -0.13 -1.63 -28.60
C ASP A 101 -1.63 -1.62 -28.29
N GLY A 102 -2.35 -0.76 -28.98
CA GLY A 102 -3.79 -0.66 -28.84
C GLY A 102 -4.27 0.04 -27.57
N GLY A 103 -3.36 0.55 -26.72
CA GLY A 103 -3.79 1.26 -25.52
C GLY A 103 -3.29 2.70 -25.49
N THR A 104 -3.87 3.51 -24.59
CA THR A 104 -3.38 4.82 -24.25
C THR A 104 -2.86 4.77 -22.82
N TYR A 105 -1.66 5.31 -22.61
CA TYR A 105 -1.02 5.33 -21.31
C TYR A 105 -0.78 6.76 -20.90
N ASP A 106 -0.98 7.05 -19.60
CA ASP A 106 -0.49 8.25 -18.97
C ASP A 106 0.96 8.09 -18.60
N ILE A 107 1.71 9.18 -18.71
CA ILE A 107 3.12 9.18 -18.36
C ILE A 107 3.27 9.94 -17.05
N TYR A 108 3.97 9.31 -16.09
CA TYR A 108 4.17 9.92 -14.80
C TYR A 108 5.63 9.80 -14.38
N THR A 109 6.07 10.72 -13.52
CA THR A 109 7.30 10.51 -12.77
C THR A 109 7.01 10.51 -11.27
N THR A 110 7.87 9.79 -10.52
CA THR A 110 7.90 9.85 -9.08
C THR A 110 9.36 9.76 -8.61
N THR A 111 9.61 10.09 -7.35
CA THR A 111 10.96 9.90 -6.84
C THR A 111 10.87 9.10 -5.55
N ARG A 112 11.85 8.21 -5.33
CA ARG A 112 11.96 7.49 -4.07
C ARG A 112 13.25 7.92 -3.36
N TYR A 113 13.14 8.14 -2.05
CA TYR A 113 14.26 8.49 -1.19
C TYR A 113 14.48 7.40 -0.15
N ASN A 114 15.74 7.12 0.18
CA ASN A 114 16.14 6.11 1.15
C ASN A 114 15.32 4.84 0.98
N ALA A 115 15.18 4.38 -0.25
CA ALA A 115 14.34 3.23 -0.54
C ALA A 115 15.20 2.12 -1.16
N PRO A 116 14.74 0.85 -1.11
CA PRO A 116 15.48 -0.24 -1.75
C PRO A 116 15.52 -0.09 -3.27
N SER A 117 16.70 -0.35 -3.85
CA SER A 117 16.89 -0.42 -5.29
C SER A 117 17.84 -1.56 -5.65
N ILE A 118 18.21 -1.64 -6.93
CA ILE A 118 19.21 -2.61 -7.33
C ILE A 118 20.58 -2.20 -6.79
N ASP A 119 20.71 -1.03 -6.15
CA ASP A 119 21.99 -0.55 -5.68
C ASP A 119 22.08 -0.58 -4.15
N GLY A 120 21.01 -0.90 -3.43
CA GLY A 120 21.13 -1.01 -2.00
C GLY A 120 19.80 -0.83 -1.30
N ASP A 121 19.84 -0.80 0.03
CA ASP A 121 18.64 -0.83 0.85
C ASP A 121 18.06 0.59 0.94
N ARG A 122 18.93 1.60 0.84
CA ARG A 122 18.56 2.97 1.19
C ARG A 122 19.19 3.91 0.18
N THR A 123 18.49 4.07 -0.94
CA THR A 123 19.00 4.80 -2.08
CA THR A 123 18.99 4.78 -2.10
C THR A 123 17.91 5.73 -2.61
N THR A 124 18.31 6.69 -3.42
CA THR A 124 17.40 7.66 -3.99
C THR A 124 17.39 7.41 -5.48
N PHE A 125 16.18 7.35 -6.06
CA PHE A 125 16.09 7.18 -7.49
C PHE A 125 14.78 7.77 -8.01
N THR A 126 14.74 7.99 -9.31
CA THR A 126 13.56 8.41 -10.03
C THR A 126 12.86 7.20 -10.63
N GLN A 127 11.53 7.26 -10.71
CA GLN A 127 10.75 6.24 -11.38
C GLN A 127 10.00 6.85 -12.56
N TYR A 128 10.09 6.18 -13.72
CA TYR A 128 9.35 6.57 -14.91
C TYR A 128 8.23 5.55 -15.12
N TRP A 129 7.03 6.04 -15.43
CA TRP A 129 5.86 5.19 -15.60
C TRP A 129 5.15 5.49 -16.90
N SER A 130 4.74 4.45 -17.63
CA SER A 130 3.57 4.53 -18.50
C SER A 130 2.51 3.65 -17.83
N VAL A 131 1.33 4.25 -17.52
CA VAL A 131 0.25 3.50 -16.90
C VAL A 131 -0.98 3.58 -17.80
N ARG A 132 -1.45 2.41 -18.19
CA ARG A 132 -2.56 2.29 -19.13
C ARG A 132 -3.78 2.96 -18.52
N GLN A 133 -4.57 3.66 -19.33
CA GLN A 133 -5.68 4.43 -18.80
C GLN A 133 -6.78 3.49 -18.35
N SER A 134 -6.83 2.27 -18.90
CA SER A 134 -7.75 1.28 -18.37
C SER A 134 -6.99 -0.02 -18.41
N LYS A 135 -7.45 -0.98 -17.58
CA LYS A 135 -6.80 -2.27 -17.46
C LYS A 135 -6.85 -3.02 -18.79
N ARG A 136 -5.70 -3.55 -19.24
CA ARG A 136 -5.65 -4.31 -20.47
C ARG A 136 -6.31 -5.66 -20.23
N PRO A 137 -7.17 -6.15 -21.15
CA PRO A 137 -7.66 -7.53 -21.04
C PRO A 137 -6.46 -8.50 -21.01
N THR A 138 -6.60 -9.56 -20.22
CA THR A 138 -5.57 -10.56 -20.03
C THR A 138 -6.06 -11.86 -20.62
N GLY A 139 -5.15 -12.76 -20.90
CA GLY A 139 -5.54 -14.11 -21.29
C GLY A 139 -5.23 -14.41 -22.75
N SER A 140 -4.98 -13.35 -23.54
CA SER A 140 -4.48 -13.48 -24.90
C SER A 140 -3.07 -12.93 -25.00
N ASN A 141 -2.44 -13.23 -26.13
CA ASN A 141 -1.05 -12.87 -26.32
C ASN A 141 -1.01 -11.35 -26.47
N ALA A 142 -0.08 -10.71 -25.78
CA ALA A 142 -0.06 -9.25 -25.73
C ALA A 142 1.35 -8.77 -26.01
N THR A 143 1.49 -7.53 -26.48
CA THR A 143 2.81 -6.99 -26.77
CA THR A 143 2.76 -6.95 -26.85
C THR A 143 2.95 -5.61 -26.13
N ILE A 144 4.15 -5.35 -25.66
CA ILE A 144 4.60 -4.04 -25.24
C ILE A 144 5.78 -3.70 -26.13
N THR A 145 5.49 -2.73 -27.04
CA THR A 145 6.48 -2.15 -27.93
C THR A 145 7.20 -1.05 -27.17
N PHE A 146 8.23 -1.46 -26.41
CA PHE A 146 8.81 -0.60 -25.42
C PHE A 146 9.41 0.64 -26.07
N THR A 147 9.84 0.56 -27.34
CA THR A 147 10.48 1.70 -27.98
CA THR A 147 10.51 1.71 -27.94
C THR A 147 9.52 2.89 -28.01
N ASN A 148 8.22 2.62 -28.10
CA ASN A 148 7.21 3.69 -28.12
C ASN A 148 7.19 4.46 -26.80
N HIS A 149 7.39 3.73 -25.71
CA HIS A 149 7.43 4.32 -24.37
C HIS A 149 8.70 5.13 -24.24
N VAL A 150 9.83 4.51 -24.63
CA VAL A 150 11.11 5.15 -24.44
C VAL A 150 11.13 6.50 -25.17
N ASN A 151 10.56 6.49 -26.39
CA ASN A 151 10.56 7.66 -27.26
C ASN A 151 9.66 8.75 -26.69
N ALA A 152 8.46 8.38 -26.22
CA ALA A 152 7.55 9.35 -25.62
C ALA A 152 8.18 9.98 -24.39
N TRP A 153 8.78 9.12 -23.54
CA TRP A 153 9.45 9.58 -22.33
C TRP A 153 10.54 10.58 -22.68
N LYS A 154 11.39 10.22 -23.66
CA LYS A 154 12.48 11.10 -24.07
C LYS A 154 11.92 12.47 -24.47
N SER A 155 10.85 12.48 -25.27
CA SER A 155 10.23 13.73 -25.72
C SER A 155 9.67 14.54 -24.55
N HIS A 156 9.47 13.94 -23.37
CA HIS A 156 8.96 14.66 -22.20
C HIS A 156 10.11 14.85 -21.20
N GLY A 157 11.36 14.75 -21.63
CA GLY A 157 12.48 15.11 -20.76
C GLY A 157 12.97 13.95 -19.88
N MET A 158 12.44 12.75 -20.12
CA MET A 158 12.65 11.57 -19.29
C MET A 158 13.63 10.64 -20.00
N ASN A 159 14.92 10.87 -19.73
CA ASN A 159 16.01 10.12 -20.33
C ASN A 159 16.42 8.96 -19.43
N LEU A 160 16.53 7.79 -20.04
CA LEU A 160 17.01 6.60 -19.33
C LEU A 160 18.53 6.63 -19.19
N GLY A 161 19.07 5.83 -18.26
CA GLY A 161 20.50 5.77 -18.02
C GLY A 161 21.20 4.94 -19.11
N SER A 162 22.54 5.02 -19.14
CA SER A 162 23.31 4.40 -20.19
C SER A 162 23.61 2.92 -19.89
N ASN A 163 23.53 2.52 -18.62
CA ASN A 163 23.87 1.17 -18.24
C ASN A 163 22.61 0.38 -17.88
N TRP A 164 22.17 -0.50 -18.80
CA TRP A 164 20.90 -1.21 -18.65
C TRP A 164 21.01 -2.46 -17.76
N ALA A 165 20.12 -2.55 -16.77
CA ALA A 165 19.99 -3.71 -15.92
C ALA A 165 18.79 -4.53 -16.35
N TYR A 166 18.19 -5.29 -15.43
CA TYR A 166 17.19 -6.27 -15.82
C TYR A 166 15.96 -5.56 -16.40
N GLN A 167 15.15 -6.37 -17.10
CA GLN A 167 13.94 -5.97 -17.78
C GLN A 167 12.99 -7.17 -17.80
N VAL A 168 11.89 -7.10 -17.03
CA VAL A 168 11.02 -8.25 -16.87
C VAL A 168 9.58 -7.84 -17.04
N MET A 169 8.76 -8.83 -17.35
CA MET A 169 7.33 -8.73 -17.25
C MET A 169 6.96 -9.31 -15.90
N ALA A 170 6.54 -8.41 -15.01
CA ALA A 170 6.48 -8.66 -13.59
C ALA A 170 5.07 -8.59 -13.03
N THR A 171 4.92 -9.36 -11.96
CA THR A 171 3.92 -9.16 -10.93
C THR A 171 4.57 -8.46 -9.75
N GLU A 172 4.13 -7.23 -9.47
CA GLU A 172 4.55 -6.50 -8.30
C GLU A 172 3.34 -6.34 -7.36
N GLY A 173 3.56 -6.49 -6.07
CA GLY A 173 2.50 -6.27 -5.10
C GLY A 173 2.96 -5.50 -3.87
N TYR A 174 1.96 -5.01 -3.15
CA TYR A 174 2.17 -4.34 -1.88
C TYR A 174 0.89 -4.46 -1.05
N GLN A 175 1.01 -4.98 0.17
CA GLN A 175 -0.10 -5.05 1.11
C GLN A 175 -1.30 -5.76 0.48
N SER A 176 -1.09 -6.95 -0.08
CA SER A 176 -2.14 -7.60 -0.87
C SER A 176 -1.98 -9.11 -0.84
N SER A 177 -2.95 -9.78 -1.43
CA SER A 177 -2.88 -11.19 -1.74
C SER A 177 -3.20 -11.34 -3.21
N GLY A 178 -2.87 -12.51 -3.79
CA GLY A 178 -3.29 -12.72 -5.15
C GLY A 178 -2.68 -13.96 -5.79
N SER A 179 -3.00 -14.12 -7.07
CA SER A 179 -2.46 -15.17 -7.90
C SER A 179 -2.18 -14.56 -9.28
N SER A 180 -1.04 -14.93 -9.84
CA SER A 180 -0.78 -14.64 -11.23
C SER A 180 -0.10 -15.82 -11.90
N ASN A 181 -0.26 -15.90 -13.23
CA ASN A 181 0.43 -16.84 -14.07
C ASN A 181 0.67 -16.17 -15.42
N VAL A 182 1.95 -16.02 -15.77
CA VAL A 182 2.35 -15.25 -16.92
C VAL A 182 3.42 -16.03 -17.68
N THR A 183 3.33 -15.99 -19.01
CA THR A 183 4.43 -16.40 -19.87
C THR A 183 4.95 -15.19 -20.63
N VAL A 184 6.28 -15.14 -20.76
CA VAL A 184 7.00 -14.01 -21.35
C VAL A 184 7.95 -14.52 -22.44
N TRP A 185 7.99 -13.82 -23.59
CA TRP A 185 8.94 -14.14 -24.66
C TRP A 185 9.25 -12.89 -25.48
N ALA B 1 -16.61 12.36 28.32
CA ALA B 1 -16.86 13.35 27.24
C ALA B 1 -17.49 12.63 26.05
N SER B 2 -18.48 13.27 25.41
CA SER B 2 -18.83 12.93 24.04
C SER B 2 -17.76 13.57 23.16
N THR B 3 -17.79 13.33 21.86
CA THR B 3 -16.58 13.57 21.07
C THR B 3 -16.38 15.08 20.95
N ASP B 4 -15.13 15.51 20.80
CA ASP B 4 -14.77 16.92 20.69
C ASP B 4 -13.70 17.13 19.62
N TYR B 5 -13.33 16.12 18.80
CA TYR B 5 -12.26 16.29 17.86
C TYR B 5 -12.59 15.65 16.51
N TRP B 6 -12.28 16.38 15.44
CA TRP B 6 -12.50 15.94 14.06
C TRP B 6 -11.15 15.84 13.40
N GLN B 7 -10.85 14.66 12.89
CA GLN B 7 -9.54 14.37 12.29
C GLN B 7 -9.77 14.17 10.81
N ASN B 8 -9.03 14.90 9.99
CA ASN B 8 -9.18 14.76 8.56
C ASN B 8 -7.86 15.10 7.89
N TRP B 9 -6.99 14.08 7.74
CA TRP B 9 -5.67 14.27 7.17
C TRP B 9 -5.54 13.41 5.92
N THR B 10 -5.03 14.02 4.84
CA THR B 10 -4.66 13.30 3.64
C THR B 10 -3.25 13.74 3.21
N ASP B 11 -2.47 12.81 2.69
CA ASP B 11 -1.18 13.19 2.13
C ASP B 11 -1.34 13.86 0.75
N GLY B 12 -2.58 14.05 0.26
CA GLY B 12 -2.81 14.72 -1.02
C GLY B 12 -3.06 13.75 -2.19
N GLY B 13 -2.77 12.45 -2.05
CA GLY B 13 -2.98 11.53 -3.15
C GLY B 13 -4.47 11.16 -3.28
N GLY B 14 -4.98 11.15 -4.50
CA GLY B 14 -6.33 10.72 -4.76
C GLY B 14 -7.38 11.64 -4.14
N ILE B 15 -8.58 11.09 -4.03
CA ILE B 15 -9.75 11.81 -3.54
CA ILE B 15 -9.75 11.80 -3.55
C ILE B 15 -10.06 11.25 -2.15
N VAL B 16 -10.20 12.15 -1.20
CA VAL B 16 -10.66 11.75 0.11
C VAL B 16 -11.78 12.72 0.48
N ASN B 17 -13.03 12.33 0.24
CA ASN B 17 -14.18 13.17 0.52
C ASN B 17 -14.73 12.78 1.88
N ALA B 18 -14.29 13.52 2.89
CA ALA B 18 -14.66 13.26 4.27
C ALA B 18 -15.81 14.19 4.65
N VAL B 19 -16.86 13.66 5.28
CA VAL B 19 -17.97 14.47 5.76
C VAL B 19 -17.97 14.50 7.29
N ASN B 20 -17.99 15.71 7.84
CA ASN B 20 -18.12 15.93 9.27
C ASN B 20 -19.60 15.95 9.60
N GLY B 21 -20.14 14.82 10.04
CA GLY B 21 -21.56 14.71 10.26
C GLY B 21 -21.99 15.33 11.60
N SER B 22 -23.24 15.12 11.97
CA SER B 22 -23.68 15.67 13.24
C SER B 22 -23.29 14.73 14.38
N GLY B 23 -23.12 15.34 15.55
CA GLY B 23 -22.63 14.62 16.71
C GLY B 23 -21.30 13.93 16.40
N GLY B 24 -21.25 12.64 16.74
CA GLY B 24 -20.05 11.85 16.52
C GLY B 24 -20.05 11.09 15.19
N ASN B 25 -20.92 11.48 14.24
CA ASN B 25 -21.00 10.81 12.96
C ASN B 25 -20.09 11.44 11.90
N TYR B 26 -19.55 10.58 11.03
CA TYR B 26 -18.75 11.03 9.91
C TYR B 26 -18.78 9.97 8.83
N SER B 27 -18.45 10.37 7.61
CA SER B 27 -18.36 9.41 6.53
C SER B 27 -17.16 9.76 5.66
N VAL B 28 -16.63 8.77 4.95
CA VAL B 28 -15.58 9.00 4.00
C VAL B 28 -15.91 8.23 2.74
N ASN B 29 -15.74 8.87 1.58
CA ASN B 29 -15.70 8.17 0.31
C ASN B 29 -14.41 8.57 -0.37
N TRP B 30 -13.61 7.56 -0.67
CA TRP B 30 -12.27 7.82 -1.16
C TRP B 30 -11.98 7.00 -2.42
N SER B 31 -11.06 7.55 -3.21
CA SER B 31 -10.72 7.03 -4.51
C SER B 31 -9.21 7.13 -4.79
N ASN B 32 -8.63 5.96 -5.14
CA ASN B 32 -7.22 5.87 -5.60
C ASN B 32 -6.30 6.75 -4.74
N THR B 33 -6.30 6.50 -3.45
CA THR B 33 -5.62 7.43 -2.53
C THR B 33 -4.16 7.16 -2.21
N GLY B 34 -3.51 8.18 -1.66
CA GLY B 34 -2.22 7.94 -1.01
C GLY B 34 -2.62 7.53 0.41
N ASN B 35 -1.94 8.05 1.41
CA ASN B 35 -2.30 7.78 2.83
C ASN B 35 -3.25 8.86 3.38
N PHE B 36 -4.22 8.44 4.18
CA PHE B 36 -5.11 9.36 4.87
C PHE B 36 -5.65 8.73 6.17
N VAL B 37 -6.06 9.61 7.08
CA VAL B 37 -6.65 9.25 8.36
C VAL B 37 -7.77 10.26 8.65
N VAL B 38 -9.01 9.72 8.75
CA VAL B 38 -10.20 10.50 9.02
C VAL B 38 -10.95 9.85 10.19
N GLY B 39 -11.38 10.67 11.14
CA GLY B 39 -12.21 10.14 12.20
C GLY B 39 -12.66 11.20 13.20
N LYS B 40 -13.49 10.72 14.14
CA LYS B 40 -13.90 11.55 15.26
C LYS B 40 -13.47 10.90 16.56
N GLY B 41 -13.26 11.76 17.56
CA GLY B 41 -12.97 11.32 18.91
C GLY B 41 -12.65 12.52 19.78
N TRP B 42 -11.47 12.50 20.40
CA TRP B 42 -11.13 13.36 21.52
C TRP B 42 -9.76 13.97 21.29
N THR B 43 -9.67 15.27 21.63
CA THR B 43 -8.46 16.04 21.52
C THR B 43 -7.36 15.48 22.43
N THR B 44 -7.74 15.05 23.63
CA THR B 44 -6.77 14.50 24.57
C THR B 44 -7.18 13.07 24.88
N GLY B 45 -6.35 12.12 24.48
CA GLY B 45 -6.67 10.73 24.69
C GLY B 45 -6.54 10.37 26.17
N SER B 46 -7.14 9.26 26.55
CA SER B 46 -7.06 8.72 27.90
C SER B 46 -6.80 7.22 27.80
N PRO B 47 -5.96 6.65 28.69
CA PRO B 47 -5.80 5.20 28.75
C PRO B 47 -7.02 4.48 29.30
N PHE B 48 -8.00 5.23 29.84
CA PHE B 48 -9.18 4.63 30.43
C PHE B 48 -10.43 4.89 29.59
N ARG B 49 -10.29 5.45 28.40
CA ARG B 49 -11.44 5.68 27.53
C ARG B 49 -12.06 4.35 27.11
N THR B 50 -13.39 4.29 27.20
CA THR B 50 -14.19 3.30 26.52
C THR B 50 -14.75 3.98 25.28
N ILE B 51 -14.30 3.54 24.09
CA ILE B 51 -14.74 4.10 22.83
C ILE B 51 -15.91 3.27 22.36
N ASN B 52 -17.04 3.93 22.12
CA ASN B 52 -18.19 3.29 21.53
C ASN B 52 -18.25 3.70 20.06
N TYR B 53 -18.71 2.80 19.20
CA TYR B 53 -18.88 3.16 17.82
C TYR B 53 -19.84 2.20 17.14
N ASN B 54 -20.37 2.68 16.02
CA ASN B 54 -21.18 1.87 15.14
C ASN B 54 -20.77 2.25 13.73
N ALA B 55 -20.21 1.28 13.01
CA ALA B 55 -19.82 1.47 11.62
C ALA B 55 -20.96 0.98 10.73
N GLY B 56 -21.86 1.89 10.38
CA GLY B 56 -23.00 1.55 9.56
C GLY B 56 -22.59 1.18 8.15
N VAL B 57 -21.43 1.70 7.71
CA VAL B 57 -20.86 1.32 6.44
C VAL B 57 -19.37 1.07 6.64
N TRP B 58 -18.95 -0.11 6.21
CA TRP B 58 -17.54 -0.43 6.16
C TRP B 58 -17.28 -1.19 4.86
N ALA B 59 -16.75 -0.45 3.87
CA ALA B 59 -16.67 -0.97 2.52
C ALA B 59 -15.36 -0.51 1.87
N PRO B 60 -14.18 -0.93 2.39
CA PRO B 60 -12.92 -0.61 1.73
C PRO B 60 -12.81 -1.42 0.45
N ASN B 61 -12.11 -0.88 -0.55
CA ASN B 61 -11.72 -1.65 -1.73
C ASN B 61 -10.20 -1.52 -1.91
N GLY B 62 -9.47 -2.38 -1.17
CA GLY B 62 -8.05 -2.21 -0.96
C GLY B 62 -7.75 -2.06 0.53
N ASN B 63 -6.58 -1.48 0.78
CA ASN B 63 -6.12 -1.29 2.14
C ASN B 63 -6.86 -0.11 2.79
N GLY B 64 -7.73 -0.47 3.74
CA GLY B 64 -8.31 0.46 4.68
C GLY B 64 -8.40 -0.22 6.06
N TYR B 65 -8.25 0.57 7.11
CA TYR B 65 -8.40 0.11 8.47
C TYR B 65 -9.53 0.90 9.15
N LEU B 66 -10.32 0.16 9.92
CA LEU B 66 -11.30 0.69 10.86
C LEU B 66 -10.71 0.44 12.23
N THR B 67 -10.23 1.50 12.87
CA THR B 67 -9.25 1.37 13.93
C THR B 67 -9.39 2.53 14.91
N LEU B 68 -9.25 2.26 16.22
CA LEU B 68 -8.80 3.30 17.13
C LEU B 68 -7.41 3.75 16.68
N ALA B 69 -7.21 5.07 16.62
CA ALA B 69 -5.93 5.65 16.26
C ALA B 69 -5.67 6.81 17.21
N GLY B 70 -4.48 6.83 17.80
CA GLY B 70 -4.07 7.97 18.59
C GLY B 70 -2.57 8.06 18.71
N TRP B 71 -2.13 9.09 19.44
CA TRP B 71 -0.72 9.39 19.62
C TRP B 71 -0.49 9.78 21.08
N THR B 72 0.74 9.55 21.51
CA THR B 72 1.26 10.18 22.69
C THR B 72 2.57 10.86 22.32
N ARG B 73 2.99 11.81 23.17
CA ARG B 73 4.32 12.37 23.15
C ARG B 73 5.02 11.98 24.44
N SER B 74 6.36 12.09 24.47
CA SER B 74 7.17 11.86 25.66
C SER B 74 7.06 10.43 26.15
N PRO B 75 7.41 9.44 25.32
CA PRO B 75 7.83 9.66 23.94
C PRO B 75 6.71 9.55 22.89
N LEU B 76 7.11 9.89 21.66
CA LEU B 76 6.23 9.95 20.52
C LEU B 76 5.90 8.55 20.05
N ILE B 77 4.62 8.19 20.16
CA ILE B 77 4.16 6.87 19.81
C ILE B 77 2.82 7.00 19.12
N GLN B 78 2.66 6.27 18.02
CA GLN B 78 1.36 6.13 17.40
C GLN B 78 0.80 4.75 17.76
N TYR B 79 -0.48 4.69 18.13
CA TYR B 79 -1.08 3.42 18.50
C TYR B 79 -2.39 3.21 17.74
N TYR B 80 -2.72 1.93 17.64
CA TYR B 80 -3.88 1.44 16.92
C TYR B 80 -4.51 0.27 17.64
N VAL B 81 -5.85 0.22 17.60
CA VAL B 81 -6.62 -0.96 17.86
C VAL B 81 -7.47 -1.18 16.63
N VAL B 82 -7.01 -2.10 15.77
CA VAL B 82 -7.63 -2.39 14.50
C VAL B 82 -8.72 -3.44 14.68
N ASP B 83 -9.96 -3.08 14.32
CA ASP B 83 -11.08 -3.99 14.45
C ASP B 83 -11.49 -4.58 13.11
N SER B 84 -11.31 -3.83 12.02
CA SER B 84 -11.55 -4.41 10.71
C SER B 84 -10.60 -3.79 9.70
N TRP B 85 -10.56 -4.41 8.52
CA TRP B 85 -9.63 -3.97 7.48
C TRP B 85 -10.14 -4.40 6.11
N GLY B 86 -9.37 -4.10 5.06
CA GLY B 86 -9.77 -4.42 3.71
C GLY B 86 -9.00 -5.62 3.20
N THR B 87 -8.07 -5.39 2.27
CA THR B 87 -7.30 -6.47 1.66
C THR B 87 -6.00 -6.74 2.42
N TYR B 88 -5.65 -5.93 3.41
CA TYR B 88 -4.41 -6.12 4.15
C TYR B 88 -4.62 -6.03 5.66
N ARG B 89 -4.21 -7.10 6.36
CA ARG B 89 -4.24 -7.15 7.80
C ARG B 89 -2.87 -6.72 8.32
N PRO B 90 -2.76 -5.57 9.02
CA PRO B 90 -1.47 -5.02 9.38
C PRO B 90 -0.82 -5.88 10.47
N THR B 91 0.46 -6.12 10.32
CA THR B 91 1.20 -6.91 11.27
C THR B 91 2.57 -6.26 11.47
N GLY B 92 3.36 -6.82 12.36
CA GLY B 92 4.70 -6.31 12.64
C GLY B 92 5.43 -7.32 13.51
N THR B 93 6.24 -6.85 14.46
CA THR B 93 6.92 -7.75 15.37
C THR B 93 5.92 -8.27 16.40
N TYR B 94 5.73 -9.58 16.45
CA TYR B 94 4.68 -10.14 17.28
C TYR B 94 5.08 -10.10 18.75
N LYS B 95 4.20 -9.58 19.62
CA LYS B 95 4.50 -9.45 21.03
C LYS B 95 3.67 -10.39 21.90
N GLY B 96 2.48 -10.77 21.45
CA GLY B 96 1.57 -11.52 22.29
C GLY B 96 0.14 -11.28 21.85
N THR B 97 -0.83 -11.56 22.74
CA THR B 97 -2.23 -11.35 22.41
C THR B 97 -2.95 -10.65 23.56
N VAL B 98 -4.12 -10.07 23.27
CA VAL B 98 -4.97 -9.59 24.34
C VAL B 98 -6.42 -9.86 23.97
N LYS B 99 -7.22 -10.31 24.94
CA LYS B 99 -8.66 -10.44 24.76
C LYS B 99 -9.37 -9.18 25.26
N SER B 100 -10.32 -8.67 24.48
CA SER B 100 -11.07 -7.49 24.84
C SER B 100 -12.32 -7.44 24.00
N ASP B 101 -13.43 -7.04 24.63
CA ASP B 101 -14.68 -6.71 23.95
C ASP B 101 -15.10 -7.83 23.01
N GLY B 102 -15.01 -9.09 23.49
CA GLY B 102 -15.48 -10.22 22.72
C GLY B 102 -14.51 -10.69 21.64
N GLY B 103 -13.35 -10.02 21.45
CA GLY B 103 -12.40 -10.45 20.44
C GLY B 103 -11.02 -10.75 20.99
N THR B 104 -10.22 -11.40 20.15
CA THR B 104 -8.83 -11.61 20.44
C THR B 104 -8.01 -10.82 19.44
N TYR B 105 -6.97 -10.16 19.96
CA TYR B 105 -6.14 -9.26 19.20
C TYR B 105 -4.69 -9.74 19.31
N ASP B 106 -3.96 -9.74 18.20
CA ASP B 106 -2.51 -9.83 18.22
C ASP B 106 -1.92 -8.46 18.53
N ILE B 107 -0.84 -8.46 19.31
CA ILE B 107 -0.10 -7.26 19.62
C ILE B 107 1.16 -7.24 18.76
N TYR B 108 1.39 -6.12 18.07
CA TYR B 108 2.58 -5.93 17.27
C TYR B 108 3.21 -4.58 17.56
N THR B 109 4.52 -4.49 17.26
CA THR B 109 5.19 -3.20 17.18
C THR B 109 5.84 -3.05 15.81
N THR B 110 5.84 -1.81 15.33
CA THR B 110 6.55 -1.41 14.14
C THR B 110 7.29 -0.10 14.41
N THR B 111 8.24 0.20 13.51
CA THR B 111 8.94 1.47 13.55
C THR B 111 8.80 2.19 12.21
N ARG B 112 8.61 3.51 12.27
CA ARG B 112 8.60 4.35 11.08
C ARG B 112 9.81 5.26 11.16
N TYR B 113 10.57 5.35 10.06
CA TYR B 113 11.67 6.30 9.97
C TYR B 113 11.32 7.34 8.92
N ASN B 114 11.66 8.60 9.22
CA ASN B 114 11.52 9.65 8.23
C ASN B 114 10.09 9.73 7.75
N ALA B 115 9.13 9.59 8.67
CA ALA B 115 7.74 9.48 8.31
C ALA B 115 7.00 10.64 8.92
N PRO B 116 5.82 11.02 8.37
CA PRO B 116 5.01 12.07 8.97
C PRO B 116 4.42 11.59 10.29
N SER B 117 4.41 12.51 11.25
CA SER B 117 3.85 12.29 12.57
C SER B 117 3.13 13.56 12.95
N ILE B 118 2.55 13.60 14.15
CA ILE B 118 2.01 14.85 14.68
C ILE B 118 3.14 15.85 14.99
N ASP B 119 4.41 15.43 14.99
CA ASP B 119 5.52 16.30 15.32
C ASP B 119 6.30 16.75 14.09
N GLY B 120 5.81 16.45 12.88
CA GLY B 120 6.49 16.85 11.66
C GLY B 120 6.60 15.72 10.65
N ASP B 121 6.95 16.09 9.41
CA ASP B 121 6.71 15.23 8.27
C ASP B 121 7.89 14.26 8.09
N ARG B 122 8.97 14.41 8.87
CA ARG B 122 10.08 13.48 8.80
C ARG B 122 10.55 13.10 10.20
N THR B 123 9.85 12.16 10.86
CA THR B 123 10.23 11.76 12.20
C THR B 123 10.40 10.25 12.26
N THR B 124 11.03 9.81 13.35
CA THR B 124 11.14 8.39 13.68
C THR B 124 10.28 8.15 14.90
N PHE B 125 9.44 7.12 14.82
CA PHE B 125 8.59 6.78 15.94
C PHE B 125 8.20 5.31 15.86
N THR B 126 7.82 4.78 17.01
CA THR B 126 7.31 3.43 17.11
C THR B 126 5.78 3.48 17.03
N GLN B 127 5.22 2.42 16.45
CA GLN B 127 3.79 2.17 16.39
C GLN B 127 3.45 0.95 17.22
N TYR B 128 2.42 1.11 18.06
CA TYR B 128 1.89 0.00 18.83
C TYR B 128 0.57 -0.42 18.18
N TRP B 129 0.34 -1.74 18.07
CA TRP B 129 -0.86 -2.27 17.43
C TRP B 129 -1.47 -3.36 18.28
N SER B 130 -2.79 -3.29 18.44
CA SER B 130 -3.58 -4.49 18.67
C SER B 130 -4.41 -4.71 17.41
N VAL B 131 -4.27 -5.88 16.77
CA VAL B 131 -4.99 -6.16 15.53
C VAL B 131 -5.86 -7.39 15.74
N ARG B 132 -7.15 -7.22 15.58
CA ARG B 132 -8.10 -8.31 15.79
C ARG B 132 -7.77 -9.50 14.89
N GLN B 133 -7.93 -10.72 15.43
CA GLN B 133 -7.48 -11.91 14.73
C GLN B 133 -8.41 -12.22 13.55
N SER B 134 -9.66 -11.78 13.64
CA SER B 134 -10.60 -11.80 12.53
C SER B 134 -11.34 -10.46 12.53
N LYS B 135 -11.90 -10.12 11.37
CA LYS B 135 -12.56 -8.82 11.22
C LYS B 135 -13.79 -8.80 12.13
N ARG B 136 -13.98 -7.70 12.85
CA ARG B 136 -15.13 -7.60 13.74
C ARG B 136 -16.37 -7.35 12.88
N PRO B 137 -17.54 -7.97 13.15
CA PRO B 137 -18.80 -7.58 12.49
C PRO B 137 -19.10 -6.10 12.69
N THR B 138 -19.63 -5.43 11.68
CA THR B 138 -19.94 -4.01 11.76
C THR B 138 -21.46 -3.84 11.69
N GLY B 139 -21.94 -2.65 12.03
CA GLY B 139 -23.36 -2.38 11.85
C GLY B 139 -24.11 -2.41 13.17
N SER B 140 -23.50 -2.99 14.22
CA SER B 140 -24.03 -2.89 15.56
C SER B 140 -23.12 -2.04 16.44
N ASN B 141 -23.65 -1.65 17.60
CA ASN B 141 -22.89 -0.84 18.52
C ASN B 141 -21.77 -1.68 19.08
N ALA B 142 -20.57 -1.10 19.08
CA ALA B 142 -19.39 -1.86 19.47
C ALA B 142 -18.61 -1.03 20.46
N THR B 143 -17.85 -1.70 21.34
N THR B 143 -17.81 -1.73 21.29
CA THR B 143 -16.98 -1.00 22.28
CA THR B 143 -16.99 -1.10 22.31
C THR B 143 -15.54 -1.48 22.12
C THR B 143 -15.52 -1.51 22.10
N ILE B 144 -14.61 -0.53 22.27
CA ILE B 144 -13.21 -0.77 22.58
C ILE B 144 -12.92 -0.27 23.98
N THR B 145 -12.64 -1.21 24.88
CA THR B 145 -12.20 -0.92 26.24
C THR B 145 -10.70 -0.75 26.22
N PHE B 146 -10.29 0.49 25.99
CA PHE B 146 -8.92 0.73 25.66
C PHE B 146 -7.95 0.33 26.77
N THR B 147 -8.38 0.41 28.03
CA THR B 147 -7.49 0.09 29.14
C THR B 147 -6.97 -1.35 29.05
N ASN B 148 -7.76 -2.25 28.47
CA ASN B 148 -7.33 -3.63 28.27
C ASN B 148 -6.11 -3.68 27.36
N HIS B 149 -6.08 -2.87 26.29
CA HIS B 149 -4.96 -2.84 25.36
C HIS B 149 -3.77 -2.16 26.02
N VAL B 150 -4.01 -1.02 26.67
CA VAL B 150 -2.90 -0.30 27.30
C VAL B 150 -2.16 -1.19 28.30
N ASN B 151 -2.91 -1.92 29.12
CA ASN B 151 -2.36 -2.77 30.18
C ASN B 151 -1.59 -3.95 29.58
N ALA B 152 -2.17 -4.58 28.56
CA ALA B 152 -1.49 -5.66 27.83
C ALA B 152 -0.19 -5.16 27.22
N TRP B 153 -0.25 -4.03 26.53
CA TRP B 153 0.93 -3.45 25.92
C TRP B 153 2.01 -3.24 26.98
N LYS B 154 1.63 -2.59 28.08
CA LYS B 154 2.53 -2.30 29.18
C LYS B 154 3.19 -3.58 29.69
N SER B 155 2.39 -4.64 29.89
CA SER B 155 2.92 -5.88 30.42
C SER B 155 3.92 -6.51 29.44
N HIS B 156 3.89 -6.08 28.18
CA HIS B 156 4.81 -6.56 27.17
C HIS B 156 5.91 -5.52 26.93
N GLY B 157 6.12 -4.58 27.86
CA GLY B 157 7.20 -3.61 27.75
C GLY B 157 6.95 -2.47 26.75
N MET B 158 5.70 -2.27 26.31
CA MET B 158 5.37 -1.19 25.39
C MET B 158 4.78 -0.02 26.21
N ASN B 159 5.66 0.92 26.56
CA ASN B 159 5.30 2.10 27.31
C ASN B 159 4.75 3.19 26.40
N LEU B 160 3.64 3.78 26.80
CA LEU B 160 3.08 4.93 26.10
C LEU B 160 3.68 6.20 26.70
N GLY B 161 3.78 7.27 25.90
CA GLY B 161 4.18 8.56 26.42
C GLY B 161 3.23 9.08 27.50
N SER B 162 3.69 10.08 28.25
CA SER B 162 2.93 10.64 29.35
C SER B 162 2.04 11.79 28.91
N ASN B 163 2.25 12.29 27.67
CA ASN B 163 1.52 13.41 27.11
C ASN B 163 0.58 12.88 26.00
N TRP B 164 -0.73 12.93 26.25
CA TRP B 164 -1.70 12.32 25.36
C TRP B 164 -2.17 13.34 24.30
N ALA B 165 -2.05 12.97 23.02
CA ALA B 165 -2.61 13.75 21.93
C ALA B 165 -3.94 13.13 21.49
N TYR B 166 -4.32 13.27 20.21
CA TYR B 166 -5.69 12.94 19.83
C TYR B 166 -5.91 11.43 19.91
N GLN B 167 -7.19 11.06 19.96
CA GLN B 167 -7.63 9.69 20.10
C GLN B 167 -8.95 9.57 19.35
N VAL B 168 -8.95 8.88 18.19
CA VAL B 168 -10.14 8.84 17.36
C VAL B 168 -10.46 7.42 16.87
N MET B 169 -11.75 7.20 16.59
CA MET B 169 -12.17 6.02 15.86
C MET B 169 -12.14 6.40 14.39
N ALA B 170 -11.20 5.83 13.65
CA ALA B 170 -10.80 6.32 12.36
C ALA B 170 -11.08 5.29 11.26
N THR B 171 -11.16 5.86 10.07
CA THR B 171 -10.92 5.22 8.80
C THR B 171 -9.54 5.67 8.30
N GLU B 172 -8.62 4.72 8.15
CA GLU B 172 -7.32 4.98 7.55
C GLU B 172 -7.22 4.17 6.26
N GLY B 173 -6.65 4.77 5.22
CA GLY B 173 -6.46 4.05 3.98
C GLY B 173 -5.07 4.32 3.39
N TYR B 174 -4.68 3.44 2.49
CA TYR B 174 -3.49 3.63 1.67
C TYR B 174 -3.70 2.90 0.34
N GLN B 175 -3.49 3.60 -0.77
CA GLN B 175 -3.55 3.00 -2.11
C GLN B 175 -4.84 2.22 -2.33
N SER B 176 -5.97 2.87 -2.04
CA SER B 176 -7.25 2.17 -2.09
C SER B 176 -8.38 3.14 -2.40
N SER B 177 -9.57 2.54 -2.56
CA SER B 177 -10.83 3.25 -2.68
C SER B 177 -11.74 2.68 -1.59
N GLY B 178 -12.81 3.39 -1.27
CA GLY B 178 -13.87 2.79 -0.47
C GLY B 178 -14.87 3.79 0.07
N SER B 179 -15.74 3.29 0.96
CA SER B 179 -16.73 4.09 1.64
C SER B 179 -16.77 3.63 3.09
N SER B 180 -16.90 4.57 4.00
CA SER B 180 -17.23 4.23 5.36
C SER B 180 -18.18 5.27 5.94
N ASN B 181 -18.87 4.86 7.01
CA ASN B 181 -19.78 5.71 7.75
C ASN B 181 -19.77 5.17 9.19
N VAL B 182 -19.39 6.03 10.12
CA VAL B 182 -19.12 5.64 11.48
C VAL B 182 -19.63 6.72 12.42
N THR B 183 -20.19 6.28 13.54
CA THR B 183 -20.55 7.18 14.64
C THR B 183 -19.75 6.78 15.89
N VAL B 184 -19.22 7.79 16.58
CA VAL B 184 -18.33 7.59 17.71
C VAL B 184 -18.97 8.26 18.93
N TRP B 185 -18.85 7.65 20.11
CA TRP B 185 -19.23 8.36 21.33
C TRP B 185 -18.58 7.71 22.56
O1 XYP C . -17.23 28.46 8.68
C1 XYP C . -16.46 27.70 9.55
C2 XYP C . -17.20 27.53 10.85
C3 XYP C . -16.43 26.64 11.80
C4 XYP C . -16.06 25.34 11.11
C5 XYP C . -15.38 25.63 9.79
O2 XYP C . -17.47 28.80 11.44
O3 XYP C . -17.18 26.38 12.98
O4 XYP C . -15.16 24.60 11.93
O5 XYP C . -16.21 26.44 8.96
C1 XYP C . -15.41 23.24 12.10
C2 XYP C . -14.09 22.63 12.53
C3 XYP C . -14.25 21.17 12.93
C4 XYP C . -15.41 21.01 13.90
C5 XYP C . -16.64 21.70 13.38
O2 XYP C . -13.14 22.76 11.48
O3 XYP C . -13.04 20.72 13.53
O4 XYP C . -15.69 19.62 14.05
O5 XYP C . -16.38 23.08 13.12
C1 XYP C . -16.26 19.23 15.25
C2 XYP C . -17.28 18.16 14.89
C3 XYP C . -17.83 17.50 16.15
C4 XYP C . -16.68 16.99 16.99
C5 XYP C . -15.75 18.15 17.28
O2 XYP C . -18.31 18.72 14.09
O3 XYP C . -18.71 16.43 15.79
O4 XYP C . -17.17 16.47 18.24
O5 XYP C . -15.23 18.68 16.06
O1 XYP D . 7.75 -0.46 -5.86
C1 XYP D . 9.10 -0.66 -6.10
C2 XYP D . 9.86 -0.03 -4.96
C3 XYP D . 11.36 -0.35 -5.03
C4 XYP D . 11.58 -1.83 -5.25
C5 XYP D . 10.72 -2.32 -6.40
O2 XYP D . 9.66 1.38 -4.97
O3 XYP D . 11.95 0.08 -3.82
O4 XYP D . 12.96 -2.07 -5.57
O5 XYP D . 9.35 -2.05 -6.16
C1 XYP D . 13.45 -3.38 -5.45
C2 XYP D . 13.93 -3.79 -6.84
C3 XYP D . 14.81 -5.02 -6.79
C4 XYP D . 15.96 -4.69 -5.86
C5 XYP D . 15.37 -4.47 -4.49
O2 XYP D . 12.82 -4.01 -7.71
O3 XYP D . 15.26 -5.36 -8.10
O4 XYP D . 16.95 -5.73 -5.82
O5 XYP D . 14.54 -3.30 -4.52
C1 XYP D . 16.68 -6.96 -5.26
C2 XYP D . 17.15 -7.97 -6.29
C3 XYP D . 16.99 -9.37 -5.75
C4 XYP D . 17.75 -9.50 -4.44
C5 XYP D . 17.34 -8.40 -3.48
O2 XYP D . 16.46 -7.79 -7.52
O3 XYP D . 17.47 -10.31 -6.70
O4 XYP D . 17.49 -10.77 -3.83
O5 XYP D . 17.45 -7.11 -4.07
O1 XYP E . 6.22 -16.78 -30.79
C1 XYP E . 5.40 -17.62 -30.04
C2 XYP E . 6.09 -17.93 -28.73
C3 XYP E . 5.21 -18.81 -27.86
C4 XYP E . 3.84 -18.16 -27.69
C5 XYP E . 3.26 -17.78 -29.04
O2 XYP E . 7.35 -18.54 -28.98
O3 XYP E . 5.83 -18.99 -26.60
O4 XYP E . 2.95 -19.06 -27.06
O5 XYP E . 4.17 -16.95 -29.78
C1 XYP E . 2.12 -18.55 -26.07
C2 XYP E . 0.76 -19.19 -26.24
C3 XYP E . -0.17 -18.89 -25.07
C4 XYP E . 0.54 -19.16 -23.75
C5 XYP E . 1.87 -18.44 -23.73
O2 XYP E . 0.17 -18.75 -27.45
O3 XYP E . -1.34 -19.69 -25.17
O4 XYP E . -0.26 -18.72 -22.66
O5 XYP E . 2.69 -18.88 -24.81
C1 XYP E . -0.12 -19.45 -21.49
C2 XYP E . -0.24 -18.47 -20.33
C3 XYP E . -0.28 -19.18 -19.00
C4 XYP E . -1.35 -20.26 -19.01
C5 XYP E . -1.12 -21.17 -20.20
O2 XYP E . 0.84 -17.55 -20.37
O3 XYP E . -0.56 -18.22 -17.97
O4 XYP E . -1.29 -21.04 -17.81
O5 XYP E . -1.16 -20.42 -21.41
O1 XYP F . -26.72 5.34 19.37
C1 XYP F . -26.21 4.77 18.20
C2 XYP F . -27.27 3.91 17.56
C3 XYP F . -26.78 3.32 16.25
C4 XYP F . -26.23 4.43 15.35
C5 XYP F . -25.22 5.27 16.11
O2 XYP F . -27.67 2.87 18.44
O3 XYP F . -27.84 2.63 15.58
O4 XYP F . -25.58 3.83 14.23
O5 XYP F . -25.82 5.80 17.30
C1 XYP F . -25.51 4.62 13.10
C2 XYP F . -24.18 4.35 12.43
C3 XYP F . -24.06 5.05 11.08
C4 XYP F . -25.30 4.78 10.24
C5 XYP F . -26.55 5.04 11.04
O2 XYP F . -23.12 4.75 13.30
O3 XYP F . -22.89 4.60 10.41
O4 XYP F . -25.32 5.66 9.10
O5 XYP F . -26.56 4.25 12.23
C1 XYP F . -25.41 5.31 7.76
C2 XYP F . -26.11 4.02 7.37
C3 XYP F . -26.12 3.82 5.86
C4 XYP F . -26.59 5.08 5.14
C5 XYP F . -25.89 6.31 5.69
O2 XYP F . -25.47 2.88 7.94
O3 XYP F . -26.96 2.72 5.53
O4 XYP F . -26.30 4.97 3.75
O5 XYP F . -26.04 6.40 7.10
O1 XYP G . -0.04 4.95 8.59
C1 XYP G . 0.18 6.01 9.42
C2 XYP G . 1.50 6.63 8.99
C3 XYP G . 1.78 7.94 9.70
C4 XYP G . 0.57 8.87 9.62
C5 XYP G . -0.66 8.12 10.08
O2 XYP G . 2.55 5.70 9.20
O3 XYP G . 2.91 8.55 9.08
O4 XYP G . 0.76 10.01 10.46
O5 XYP G . -0.88 6.95 9.29
C1 XYP G . 0.00 11.17 10.27
C2 XYP G . -0.90 11.44 11.46
C3 XYP G . -1.62 12.76 11.31
C4 XYP G . -0.60 13.86 11.12
C5 XYP G . 0.24 13.53 9.91
O2 XYP G . -1.85 10.39 11.64
O3 XYP G . -2.44 13.02 12.45
O4 XYP G . -1.24 15.12 10.94
O5 XYP G . 0.91 12.26 10.09
ZN ZN H . 3.83 13.80 -25.46
C1 BTB I . 3.30 14.05 -29.64
O1 BTB I . 2.32 15.01 -29.97
C2 BTB I . 3.72 14.16 -28.17
C3 BTB I . 5.19 13.71 -28.11
O3 BTB I . 5.61 13.76 -26.77
C4 BTB I . 3.67 15.63 -27.69
O4 BTB I . 3.82 15.79 -26.29
N BTB I . 2.90 13.28 -27.24
C5 BTB I . 3.04 11.83 -27.56
C6 BTB I . 4.05 11.14 -26.68
O6 BTB I . 4.03 11.76 -25.40
C7 BTB I . 1.47 13.65 -27.13
C8 BTB I . 0.95 13.40 -25.73
O8 BTB I . 1.92 13.78 -24.76
ZN ZN J . 0.61 -10.98 27.26
C1 BTB K . -0.11 -10.50 30.11
O1 BTB K . 0.72 -9.83 29.17
C2 BTB K . -0.34 -11.94 29.66
C3 BTB K . 0.99 -12.70 29.65
O3 BTB K . 1.88 -12.30 28.63
C4 BTB K . -1.23 -12.52 30.79
O4 BTB K . -1.56 -13.86 30.56
N BTB K . -0.93 -11.95 28.25
C5 BTB K . -1.03 -13.29 27.58
C6 BTB K . -0.86 -13.18 26.07
O6 BTB K . 0.34 -12.51 25.70
C7 BTB K . -2.23 -11.21 28.15
C8 BTB K . -2.02 -9.77 27.74
O8 BTB K . -1.09 -9.69 26.67
#